data_8XDX
#
_entry.id   8XDX
#
_cell.length_a   49.469
_cell.length_b   71.433
_cell.length_c   146.535
_cell.angle_alpha   90.00
_cell.angle_beta   90.00
_cell.angle_gamma   90.00
#
_symmetry.space_group_name_H-M   'P 21 21 21'
#
loop_
_entity.id
_entity.type
_entity.pdbx_description
1 polymer AmyA
2 non-polymer 2-[3-(2-HYDROXY-1,1-DIHYDROXYMETHYL-ETHYLAMINO)-PROPYLAMINO]-2-HYDROXYMETHYL-PROPANE-1,3-DIOL
3 non-polymer 2-AMINO-2-HYDROXYMETHYL-PROPANE-1,3-DIOL
4 water water
#
_entity_poly.entity_id   1
_entity_poly.type   'polypeptide(L)'
_entity_poly.pdbx_seq_one_letter_code
;MQNTAKNAIWQRVRHSAIALSALSLFFGLQASELPQIPPQQVNNTMYQAFYWDAYPGLWANLPAMAAPLAERGITSMWLP
PAAKGMNGTFSVGYDVYDLWDLGEFNQKGTTATRYGTRQQLQQALSALDQLGIQAYFDVVFNHRMGADAQEHIPGFGLAW
TEYHLQGRQAHYTQQNWGYLWHDFDWNWTAFNGSDNQLYPGKWWGNTFHFPYLMGEDVDYNRFEVQQEMKAWGEWIINSV
GFSGFRMDAIAHVDTDFTRDWINHVQWATSEDVFFVAEAWVSDINGYLDAVNTPHLRAFDFNLREDFVALSSGSKDMRWW
GGLVNSQHRDRAVTFVDNHDTSRAGNPYGMPQVINYKNQAYAYILLREHGVPTVFARDYDEFGMAPTLDKLIEARRYFAY
GPGHEYSGNTEAVYAYVREGLSTVPGTGLVMLISGRNWGGQQSFTINSHQPNTTFYDYTGNVSGTVTTNAQGYGSFPVTM
TESTGWSVWVPQSNGGTQPGSITLRMTKDVGYGFSLFFTGSSAELTNWGGGIEGTWTSGHVWEVTIPDPGNFEWKTRKGP
TGGSGQNWESGSNHNQSNLHPSFHGGF
;
_entity_poly.pdbx_strand_id   A
#
# COMPACT_ATOMS: atom_id res chain seq x y z
N SER A 32 17.89 -28.60 -1.99
CA SER A 32 16.87 -28.96 -1.00
C SER A 32 15.64 -28.10 -1.19
N GLU A 33 14.55 -28.47 -0.53
CA GLU A 33 13.29 -27.77 -0.72
C GLU A 33 13.20 -26.54 0.17
N LEU A 34 12.46 -25.55 -0.31
CA LEU A 34 12.20 -24.34 0.46
C LEU A 34 11.32 -24.70 1.67
N PRO A 35 11.40 -23.93 2.75
CA PRO A 35 10.45 -24.12 3.85
C PRO A 35 9.02 -24.03 3.34
N GLN A 36 8.19 -24.96 3.79
CA GLN A 36 6.79 -25.06 3.37
C GLN A 36 5.93 -24.42 4.44
N ILE A 37 5.47 -23.21 4.18
CA ILE A 37 4.67 -22.44 5.12
C ILE A 37 3.21 -22.81 4.95
N PRO A 38 2.47 -23.14 6.01
CA PRO A 38 1.04 -23.37 5.88
C PRO A 38 0.37 -22.19 5.18
N PRO A 39 -0.51 -22.46 4.22
CA PRO A 39 -0.96 -21.38 3.31
C PRO A 39 -1.53 -20.16 3.99
N GLN A 40 -2.29 -20.32 5.07
CA GLN A 40 -2.88 -19.17 5.73
C GLN A 40 -1.91 -18.45 6.66
N GLN A 41 -0.69 -18.98 6.84
CA GLN A 41 0.36 -18.31 7.59
C GLN A 41 1.35 -17.55 6.71
N VAL A 42 1.28 -17.73 5.38
CA VAL A 42 2.21 -17.04 4.49
C VAL A 42 2.14 -15.53 4.70
N ASN A 43 3.30 -14.89 4.77
CA ASN A 43 3.36 -13.44 4.90
C ASN A 43 2.71 -12.76 3.70
N ASN A 44 1.96 -11.69 3.96
CA ASN A 44 1.48 -10.83 2.89
C ASN A 44 2.61 -9.87 2.50
N THR A 45 2.90 -9.79 1.20
CA THR A 45 3.86 -8.84 0.67
C THR A 45 3.19 -8.14 -0.50
N MET A 46 3.04 -6.83 -0.39
CA MET A 46 2.33 -6.03 -1.37
C MET A 46 3.30 -5.37 -2.35
N TYR A 47 2.86 -5.24 -3.60
CA TYR A 47 3.62 -4.57 -4.64
C TYR A 47 2.76 -3.41 -5.16
N GLN A 48 3.31 -2.20 -5.11
CA GLN A 48 2.63 -1.06 -5.72
C GLN A 48 2.95 -1.09 -7.20
N ALA A 49 1.96 -1.45 -8.02
CA ALA A 49 2.17 -1.80 -9.43
C ALA A 49 2.14 -0.59 -10.36
N PHE A 50 2.66 0.55 -9.91
CA PHE A 50 2.70 1.77 -10.71
C PHE A 50 3.58 2.78 -10.01
N TYR A 51 3.83 3.88 -10.72
CA TYR A 51 4.40 5.10 -10.17
C TYR A 51 3.82 6.23 -11.02
N TRP A 52 4.24 7.47 -10.74
CA TRP A 52 3.57 8.59 -11.41
C TRP A 52 3.75 8.52 -12.92
N ASP A 53 2.62 8.59 -13.65
CA ASP A 53 2.55 8.55 -15.11
C ASP A 53 3.00 7.22 -15.71
N ALA A 54 3.26 6.21 -14.89
CA ALA A 54 3.81 4.96 -15.39
C ALA A 54 2.74 4.07 -16.01
N TYR A 55 3.18 3.22 -16.92
CA TYR A 55 2.44 2.07 -17.43
C TYR A 55 1.10 2.40 -18.08
N PRO A 56 1.05 3.31 -19.05
CA PRO A 56 -0.16 3.35 -19.89
C PRO A 56 -0.35 1.97 -20.50
N GLY A 57 -1.60 1.53 -20.56
CA GLY A 57 -1.87 0.18 -21.04
C GLY A 57 -1.54 -0.92 -20.04
N LEU A 58 -1.46 -0.59 -18.75
CA LEU A 58 -1.04 -1.55 -17.74
C LEU A 58 -1.86 -2.85 -17.77
N TRP A 59 -3.18 -2.77 -17.94
CA TRP A 59 -3.98 -3.98 -17.72
C TRP A 59 -3.55 -5.14 -18.60
N ALA A 60 -3.29 -4.87 -19.89
CA ALA A 60 -2.87 -5.95 -20.79
C ALA A 60 -1.49 -6.49 -20.45
N ASN A 61 -0.66 -5.68 -19.80
CA ASN A 61 0.69 -6.08 -19.43
C ASN A 61 0.78 -6.66 -18.03
N LEU A 62 -0.27 -6.55 -17.24
CA LEU A 62 -0.21 -6.92 -15.83
C LEU A 62 0.00 -8.41 -15.60
N PRO A 63 -0.66 -9.31 -16.34
CA PRO A 63 -0.38 -10.75 -16.12
C PRO A 63 1.10 -11.12 -16.26
N ALA A 64 1.78 -10.63 -17.29
CA ALA A 64 3.17 -10.99 -17.47
C ALA A 64 4.06 -10.32 -16.43
N MET A 65 3.72 -9.10 -16.02
CA MET A 65 4.46 -8.45 -14.95
C MET A 65 4.32 -9.22 -13.65
N ALA A 66 3.12 -9.73 -13.37
CA ALA A 66 2.83 -10.32 -12.07
C ALA A 66 3.35 -11.73 -11.92
N ALA A 67 3.50 -12.48 -13.02
CA ALA A 67 3.89 -13.89 -12.90
C ALA A 67 5.20 -14.09 -12.15
N PRO A 68 6.30 -13.42 -12.51
CA PRO A 68 7.53 -13.64 -11.71
C PRO A 68 7.44 -13.06 -10.32
N LEU A 69 6.70 -11.95 -10.14
CA LEU A 69 6.50 -11.40 -8.79
C LEU A 69 5.83 -12.41 -7.86
N ALA A 70 4.82 -13.12 -8.36
CA ALA A 70 4.21 -14.19 -7.55
C ALA A 70 5.24 -15.24 -7.18
N GLU A 71 6.12 -15.62 -8.11
CA GLU A 71 7.13 -16.62 -7.80
C GLU A 71 8.06 -16.16 -6.69
N ARG A 72 8.43 -14.87 -6.70
CA ARG A 72 9.34 -14.37 -5.68
C ARG A 72 8.67 -14.31 -4.31
N GLY A 73 7.34 -14.15 -4.28
CA GLY A 73 6.64 -14.07 -3.02
C GLY A 73 5.66 -12.92 -2.86
N ILE A 74 5.47 -12.08 -3.90
CA ILE A 74 4.42 -11.07 -3.84
C ILE A 74 3.08 -11.77 -3.76
N THR A 75 2.22 -11.33 -2.81
CA THR A 75 0.90 -11.89 -2.62
C THR A 75 -0.24 -10.91 -2.87
N SER A 76 0.06 -9.62 -2.97
CA SER A 76 -0.99 -8.64 -3.22
C SER A 76 -0.40 -7.53 -4.07
N MET A 77 -1.26 -6.89 -4.85
CA MET A 77 -0.84 -5.79 -5.70
C MET A 77 -1.80 -4.63 -5.55
N TRP A 78 -1.25 -3.46 -5.24
CA TRP A 78 -1.98 -2.21 -5.25
C TRP A 78 -1.93 -1.66 -6.67
N LEU A 79 -3.09 -1.66 -7.34
CA LEU A 79 -3.20 -1.22 -8.72
C LEU A 79 -3.51 0.27 -8.76
N PRO A 80 -3.12 0.98 -9.82
CA PRO A 80 -3.42 2.41 -9.89
C PRO A 80 -4.93 2.63 -9.90
N PRO A 81 -5.40 3.80 -9.46
CA PRO A 81 -6.84 4.08 -9.49
C PRO A 81 -7.43 3.75 -10.85
N ALA A 82 -8.49 2.93 -10.86
CA ALA A 82 -8.93 2.28 -12.09
C ALA A 82 -10.19 2.89 -12.68
N ALA A 83 -10.79 3.88 -12.02
CA ALA A 83 -11.97 4.54 -12.52
C ALA A 83 -11.61 5.72 -13.42
N LYS A 84 -12.55 6.08 -14.29
CA LYS A 84 -12.36 7.15 -15.26
C LYS A 84 -12.05 8.48 -14.58
N GLY A 85 -10.98 9.13 -15.03
CA GLY A 85 -10.61 10.43 -14.51
C GLY A 85 -10.89 11.56 -15.49
N MET A 86 -10.88 12.79 -14.98
CA MET A 86 -11.24 13.96 -15.78
C MET A 86 -10.36 14.08 -17.02
N ASN A 87 -9.08 13.74 -16.90
CA ASN A 87 -8.13 13.91 -17.99
C ASN A 87 -8.02 12.68 -18.89
N GLY A 88 -8.98 11.76 -18.82
CA GLY A 88 -9.02 10.68 -19.81
C GLY A 88 -7.80 9.79 -19.73
N THR A 89 -7.22 9.46 -20.89
CA THR A 89 -6.05 8.58 -20.91
C THR A 89 -4.80 9.25 -20.36
N PHE A 90 -4.83 10.56 -20.14
CA PHE A 90 -3.72 11.28 -19.55
C PHE A 90 -3.80 11.32 -18.03
N SER A 91 -4.87 10.78 -17.45
CA SER A 91 -5.08 10.78 -16.01
C SER A 91 -4.39 9.58 -15.36
N VAL A 92 -3.56 9.84 -14.34
CA VAL A 92 -3.10 8.76 -13.48
C VAL A 92 -4.27 8.10 -12.77
N GLY A 93 -5.35 8.86 -12.54
CA GLY A 93 -6.58 8.33 -11.95
C GLY A 93 -7.04 9.04 -10.70
N TYR A 94 -6.30 10.01 -10.17
CA TYR A 94 -6.69 10.63 -8.91
C TYR A 94 -7.66 11.80 -9.09
N ASP A 95 -7.83 12.26 -10.31
CA ASP A 95 -8.82 13.30 -10.64
C ASP A 95 -10.14 12.63 -11.07
N VAL A 96 -10.68 11.81 -10.16
CA VAL A 96 -11.72 10.86 -10.54
C VAL A 96 -13.00 11.56 -10.96
N TYR A 97 -13.60 11.06 -12.05
CA TYR A 97 -14.86 11.53 -12.57
C TYR A 97 -16.02 10.60 -12.21
N ASP A 98 -15.93 9.30 -12.53
CA ASP A 98 -17.04 8.34 -12.38
C ASP A 98 -16.50 7.04 -11.81
N LEU A 99 -16.80 6.78 -10.53
CA LEU A 99 -16.29 5.57 -9.87
C LEU A 99 -16.85 4.29 -10.48
N TRP A 100 -17.97 4.36 -11.19
CA TRP A 100 -18.60 3.20 -11.78
C TRP A 100 -18.17 2.95 -13.22
N ASP A 101 -17.24 3.75 -13.74
CA ASP A 101 -16.69 3.62 -15.10
C ASP A 101 -15.24 3.17 -14.97
N LEU A 102 -15.01 1.87 -15.12
CA LEU A 102 -13.67 1.29 -15.05
C LEU A 102 -13.03 1.14 -16.42
N GLY A 103 -13.31 2.08 -17.32
CA GLY A 103 -12.87 1.94 -18.70
C GLY A 103 -13.90 1.32 -19.59
N GLU A 104 -15.19 1.54 -19.30
CA GLU A 104 -16.31 0.89 -19.96
C GLU A 104 -17.20 1.84 -20.76
N PHE A 105 -17.15 3.14 -20.47
CA PHE A 105 -18.06 4.11 -21.07
C PHE A 105 -17.27 5.24 -21.69
N ASN A 106 -17.83 5.82 -22.77
CA ASN A 106 -17.19 6.93 -23.47
C ASN A 106 -17.47 8.21 -22.71
N GLN A 107 -16.54 8.56 -21.82
CA GLN A 107 -16.66 9.74 -20.98
C GLN A 107 -15.28 10.35 -20.82
N LYS A 108 -15.22 11.68 -20.77
CA LYS A 108 -13.96 12.40 -20.61
C LYS A 108 -13.02 12.17 -21.79
N GLY A 109 -13.59 11.92 -22.97
CA GLY A 109 -12.85 11.86 -24.20
C GLY A 109 -12.29 10.50 -24.56
N THR A 110 -12.68 9.45 -23.85
CA THR A 110 -12.12 8.12 -24.08
C THR A 110 -13.05 7.10 -23.43
N THR A 111 -13.03 5.88 -23.97
CA THR A 111 -13.68 4.77 -23.28
C THR A 111 -12.73 4.12 -22.28
N ALA A 112 -11.59 3.61 -22.75
CA ALA A 112 -10.56 3.09 -21.86
C ALA A 112 -10.08 4.19 -20.91
N THR A 113 -9.62 3.79 -19.72
CA THR A 113 -8.83 4.67 -18.88
C THR A 113 -7.40 4.68 -19.43
N ARG A 114 -6.49 5.35 -18.71
CA ARG A 114 -5.08 5.29 -19.08
C ARG A 114 -4.57 3.85 -19.12
N TYR A 115 -5.15 2.96 -18.30
CA TYR A 115 -4.63 1.62 -18.13
C TYR A 115 -5.26 0.59 -19.04
N GLY A 116 -6.44 0.89 -19.59
CA GLY A 116 -7.08 0.02 -20.55
C GLY A 116 -8.58 0.04 -20.35
N THR A 117 -9.24 -0.90 -21.03
CA THR A 117 -10.68 -1.07 -20.93
C THR A 117 -11.03 -1.91 -19.70
N ARG A 118 -12.31 -1.88 -19.34
CA ARG A 118 -12.74 -2.73 -18.24
C ARG A 118 -12.52 -4.20 -18.57
N GLN A 119 -12.75 -4.59 -19.82
CA GLN A 119 -12.54 -5.99 -20.19
C GLN A 119 -11.10 -6.40 -19.95
N GLN A 120 -10.15 -5.53 -20.31
CA GLN A 120 -8.75 -5.83 -20.05
C GLN A 120 -8.46 -5.92 -18.56
N LEU A 121 -9.09 -5.04 -17.76
CA LEU A 121 -8.92 -5.13 -16.30
C LEU A 121 -9.47 -6.45 -15.77
N GLN A 122 -10.66 -6.85 -16.24
CA GLN A 122 -11.22 -8.13 -15.80
C GLN A 122 -10.31 -9.29 -16.14
N GLN A 123 -9.72 -9.27 -17.35
CA GLN A 123 -8.76 -10.31 -17.72
C GLN A 123 -7.57 -10.31 -16.78
N ALA A 124 -7.07 -9.11 -16.43
CA ALA A 124 -5.93 -9.03 -15.53
C ALA A 124 -6.29 -9.59 -14.15
N LEU A 125 -7.49 -9.27 -13.64
CA LEU A 125 -7.88 -9.76 -12.33
C LEU A 125 -7.98 -11.29 -12.31
N SER A 126 -8.51 -11.88 -13.38
CA SER A 126 -8.57 -13.34 -13.45
C SER A 126 -7.18 -13.94 -13.46
N ALA A 127 -6.25 -13.32 -14.19
CA ALA A 127 -4.88 -13.80 -14.21
C ALA A 127 -4.24 -13.69 -12.83
N LEU A 128 -4.45 -12.57 -12.14
CA LEU A 128 -3.92 -12.43 -10.79
C LEU A 128 -4.49 -13.48 -9.85
N ASP A 129 -5.79 -13.74 -9.96
CA ASP A 129 -6.41 -14.80 -9.16
C ASP A 129 -5.70 -16.12 -9.37
N GLN A 130 -5.40 -16.46 -10.62
CA GLN A 130 -4.74 -17.73 -10.91
C GLN A 130 -3.32 -17.76 -10.35
N LEU A 131 -2.67 -16.61 -10.22
CA LEU A 131 -1.34 -16.52 -9.65
C LEU A 131 -1.36 -16.48 -8.12
N GLY A 132 -2.53 -16.39 -7.51
CA GLY A 132 -2.62 -16.22 -6.07
C GLY A 132 -2.33 -14.82 -5.57
N ILE A 133 -2.53 -13.80 -6.40
CA ILE A 133 -2.28 -12.42 -6.03
C ILE A 133 -3.62 -11.71 -5.86
N GLN A 134 -3.82 -11.11 -4.69
CA GLN A 134 -4.99 -10.27 -4.43
C GLN A 134 -4.73 -8.87 -4.98
N ALA A 135 -5.76 -8.27 -5.57
CA ALA A 135 -5.66 -6.95 -6.15
C ALA A 135 -6.41 -5.94 -5.29
N TYR A 136 -5.78 -4.80 -5.04
CA TYR A 136 -6.38 -3.75 -4.23
C TYR A 136 -6.70 -2.54 -5.09
N PHE A 137 -7.91 -1.99 -4.89
CA PHE A 137 -8.45 -0.88 -5.66
C PHE A 137 -8.10 0.44 -4.95
N ASP A 138 -7.52 1.37 -5.72
CA ASP A 138 -7.15 2.68 -5.19
C ASP A 138 -8.37 3.58 -5.35
N VAL A 139 -9.14 3.77 -4.27
CA VAL A 139 -10.42 4.47 -4.32
C VAL A 139 -10.21 5.93 -3.90
N VAL A 140 -10.71 6.83 -4.74
CA VAL A 140 -10.69 8.26 -4.49
C VAL A 140 -12.11 8.66 -4.11
N PHE A 141 -12.37 8.77 -2.81
CA PHE A 141 -13.68 9.18 -2.31
C PHE A 141 -13.79 10.68 -2.08
N ASN A 142 -12.68 11.40 -1.89
CA ASN A 142 -12.80 12.72 -1.28
C ASN A 142 -13.53 13.72 -2.17
N HIS A 143 -13.29 13.68 -3.47
CA HIS A 143 -13.80 14.71 -4.37
C HIS A 143 -14.08 14.10 -5.73
N ARG A 144 -14.75 14.89 -6.58
CA ARG A 144 -14.86 14.60 -7.99
C ARG A 144 -14.30 15.76 -8.79
N MET A 145 -13.87 15.43 -10.01
CA MET A 145 -13.39 16.42 -10.97
CA MET A 145 -13.41 16.42 -10.97
C MET A 145 -14.02 16.13 -12.32
N GLY A 146 -14.20 17.19 -13.10
CA GLY A 146 -14.65 17.04 -14.47
C GLY A 146 -16.16 17.07 -14.67
N ALA A 147 -16.87 17.91 -13.93
CA ALA A 147 -18.31 18.04 -14.10
C ALA A 147 -18.64 18.31 -15.56
N ASP A 148 -19.75 17.76 -16.02
CA ASP A 148 -20.15 17.92 -17.42
C ASP A 148 -20.74 19.28 -17.70
N ALA A 149 -21.32 19.94 -16.70
CA ALA A 149 -22.00 21.21 -16.94
C ALA A 149 -22.04 22.02 -15.66
N GLN A 150 -22.21 23.33 -15.84
CA GLN A 150 -22.39 24.25 -14.74
C GLN A 150 -23.86 24.29 -14.32
N GLU A 151 -24.08 24.58 -13.05
CA GLU A 151 -25.40 24.83 -12.50
C GLU A 151 -25.38 26.16 -11.77
N HIS A 152 -26.52 26.81 -11.71
CA HIS A 152 -26.71 27.93 -10.79
C HIS A 152 -27.28 27.38 -9.49
N ILE A 153 -26.49 27.47 -8.42
CA ILE A 153 -26.91 27.02 -7.09
C ILE A 153 -27.68 28.18 -6.44
N PRO A 154 -28.96 27.99 -6.11
CA PRO A 154 -29.72 29.09 -5.51
C PRO A 154 -29.09 29.59 -4.23
N GLY A 155 -28.88 30.90 -4.15
CA GLY A 155 -28.25 31.51 -3.00
C GLY A 155 -26.74 31.41 -2.98
N PHE A 156 -26.12 30.93 -4.06
CA PHE A 156 -24.68 30.74 -4.07
C PHE A 156 -24.06 31.23 -5.38
N GLY A 157 -24.62 30.82 -6.51
CA GLY A 157 -24.09 31.19 -7.81
C GLY A 157 -23.67 29.97 -8.61
N LEU A 158 -22.90 30.23 -9.66
CA LEU A 158 -22.51 29.17 -10.60
C LEU A 158 -21.47 28.24 -9.99
N ALA A 159 -21.57 26.96 -10.33
CA ALA A 159 -20.61 25.96 -9.90
C ALA A 159 -20.58 24.84 -10.92
N TRP A 160 -19.45 24.14 -11.00
CA TRP A 160 -19.29 23.01 -11.92
C TRP A 160 -19.66 21.74 -11.17
N THR A 161 -20.97 21.46 -11.15
CA THR A 161 -21.50 20.44 -10.26
C THR A 161 -22.41 19.41 -10.92
N GLU A 162 -22.72 19.54 -12.21
CA GLU A 162 -23.60 18.58 -12.87
C GLU A 162 -22.76 17.43 -13.43
N TYR A 163 -22.92 16.24 -12.87
CA TYR A 163 -22.17 15.06 -13.26
C TYR A 163 -23.14 14.03 -13.82
N HIS A 164 -22.91 13.59 -15.06
CA HIS A 164 -23.83 12.68 -15.73
C HIS A 164 -23.61 11.22 -15.34
N LEU A 165 -22.35 10.77 -15.32
CA LEU A 165 -21.95 9.48 -14.71
C LEU A 165 -22.66 8.29 -15.38
N GLN A 166 -22.23 8.00 -16.61
CA GLN A 166 -22.82 6.89 -17.37
C GLN A 166 -22.63 5.54 -16.69
N GLY A 167 -21.52 5.33 -15.99
CA GLY A 167 -21.32 4.05 -15.33
C GLY A 167 -22.30 3.84 -14.21
N ARG A 168 -22.63 4.91 -13.50
CA ARG A 168 -23.65 4.86 -12.47
C ARG A 168 -25.02 4.53 -13.05
N GLN A 169 -25.37 5.14 -14.18
CA GLN A 169 -26.64 4.84 -14.84
C GLN A 169 -26.75 3.35 -15.17
N ALA A 170 -25.64 2.74 -15.61
CA ALA A 170 -25.65 1.34 -16.03
C ALA A 170 -25.65 0.38 -14.84
N HIS A 171 -24.88 0.68 -13.80
CA HIS A 171 -24.61 -0.32 -12.76
C HIS A 171 -25.26 -0.03 -11.42
N TYR A 172 -25.58 1.21 -11.11
CA TYR A 172 -26.22 1.53 -9.83
C TYR A 172 -27.73 1.48 -10.05
N THR A 173 -28.31 0.29 -9.87
CA THR A 173 -29.72 0.03 -10.13
C THR A 173 -30.33 -0.75 -8.97
N GLN A 174 -31.66 -0.67 -8.86
CA GLN A 174 -32.34 -1.48 -7.86
C GLN A 174 -32.24 -2.97 -8.17
N GLN A 175 -32.24 -3.33 -9.45
CA GLN A 175 -32.06 -4.73 -9.84
C GLN A 175 -30.78 -5.31 -9.25
N ASN A 176 -29.72 -4.51 -9.20
CA ASN A 176 -28.46 -5.00 -8.62
C ASN A 176 -28.43 -4.90 -7.11
N TRP A 177 -28.91 -3.79 -6.53
CA TRP A 177 -28.56 -3.43 -5.16
C TRP A 177 -29.72 -3.37 -4.18
N GLY A 178 -30.95 -3.63 -4.63
CA GLY A 178 -32.08 -3.64 -3.70
C GLY A 178 -32.19 -2.33 -2.95
N TYR A 179 -32.31 -2.43 -1.62
CA TYR A 179 -32.59 -1.25 -0.81
C TYR A 179 -31.48 -0.22 -0.81
N LEU A 180 -30.26 -0.59 -1.23
CA LEU A 180 -29.18 0.39 -1.33
C LEU A 180 -29.36 1.35 -2.49
N TRP A 181 -30.28 1.07 -3.42
CA TRP A 181 -30.48 1.95 -4.56
C TRP A 181 -31.43 3.09 -4.21
N HIS A 182 -31.02 4.30 -4.59
CA HIS A 182 -31.85 5.49 -4.48
C HIS A 182 -31.82 6.22 -5.82
N ASP A 183 -32.96 6.78 -6.20
CA ASP A 183 -33.11 7.55 -7.43
C ASP A 183 -32.70 8.99 -7.13
N PHE A 184 -31.49 9.36 -7.50
CA PHE A 184 -31.03 10.74 -7.37
C PHE A 184 -29.92 11.02 -8.37
N ASP A 185 -29.77 12.28 -8.72
CA ASP A 185 -28.73 12.74 -9.64
C ASP A 185 -27.57 13.32 -8.85
N TRP A 186 -26.35 13.16 -9.38
CA TRP A 186 -25.20 13.85 -8.81
C TRP A 186 -25.14 15.25 -9.38
N ASN A 187 -25.81 16.17 -8.69
CA ASN A 187 -25.67 17.60 -8.95
C ASN A 187 -25.07 18.24 -7.72
N TRP A 188 -25.23 19.55 -7.55
CA TRP A 188 -24.57 20.22 -6.42
C TRP A 188 -24.98 19.62 -5.09
N THR A 189 -26.18 19.04 -4.99
CA THR A 189 -26.64 18.52 -3.72
C THR A 189 -25.91 17.24 -3.30
N ALA A 190 -25.09 16.67 -4.17
CA ALA A 190 -24.26 15.54 -3.79
C ALA A 190 -22.92 15.98 -3.19
N PHE A 191 -22.67 17.29 -3.12
CA PHE A 191 -21.37 17.83 -2.77
C PHE A 191 -21.49 18.83 -1.62
N ASN A 192 -20.42 18.91 -0.82
CA ASN A 192 -20.37 19.88 0.27
C ASN A 192 -20.06 21.28 -0.23
N GLY A 193 -19.23 21.39 -1.25
CA GLY A 193 -18.76 22.68 -1.70
C GLY A 193 -17.53 22.53 -2.58
N SER A 194 -16.95 23.68 -2.90
CA SER A 194 -15.77 23.74 -3.75
C SER A 194 -15.05 25.05 -3.46
N ASP A 195 -13.76 25.07 -3.78
CA ASP A 195 -12.90 26.22 -3.55
C ASP A 195 -13.11 26.82 -2.15
N ASN A 196 -13.11 25.94 -1.15
CA ASN A 196 -13.15 26.33 0.26
C ASN A 196 -14.44 27.04 0.68
N GLN A 197 -15.53 26.85 -0.07
CA GLN A 197 -16.82 27.42 0.29
C GLN A 197 -17.85 26.32 0.33
N LEU A 198 -18.69 26.34 1.36
CA LEU A 198 -19.80 25.40 1.48
C LEU A 198 -20.98 25.84 0.62
N TYR A 199 -21.60 24.87 -0.04
CA TYR A 199 -22.87 25.12 -0.72
C TYR A 199 -23.98 25.25 0.32
N PRO A 200 -25.12 25.83 -0.06
CA PRO A 200 -26.17 26.13 0.93
C PRO A 200 -26.65 24.88 1.65
N GLY A 201 -26.73 24.97 2.97
CA GLY A 201 -27.19 23.88 3.79
C GLY A 201 -26.18 22.79 4.09
N LYS A 202 -24.98 22.88 3.54
CA LYS A 202 -23.98 21.83 3.67
C LYS A 202 -23.04 22.12 4.84
N TRP A 203 -22.39 21.05 5.31
CA TRP A 203 -21.27 21.17 6.24
C TRP A 203 -20.20 20.19 5.78
N TRP A 204 -18.96 20.41 6.24
CA TRP A 204 -17.82 19.66 5.72
C TRP A 204 -17.73 18.24 6.26
N GLY A 205 -18.50 17.90 7.29
CA GLY A 205 -18.37 16.62 7.93
C GLY A 205 -17.32 16.63 9.03
N ASN A 206 -17.20 15.48 9.68
CA ASN A 206 -16.23 15.29 10.75
C ASN A 206 -15.00 14.65 10.14
N THR A 207 -14.00 15.47 9.83
CA THR A 207 -12.77 15.02 9.17
C THR A 207 -11.58 15.16 10.13
N PHE A 208 -10.66 14.20 10.05
CA PHE A 208 -9.50 14.20 10.95
C PHE A 208 -8.52 15.31 10.60
N HIS A 209 -8.22 15.48 9.31
CA HIS A 209 -7.46 16.60 8.80
C HIS A 209 -8.44 17.64 8.25
N PHE A 210 -7.93 18.66 7.56
CA PHE A 210 -8.83 19.66 7.00
C PHE A 210 -9.69 19.05 5.90
N PRO A 211 -10.94 19.50 5.77
CA PRO A 211 -11.87 18.79 4.87
C PRO A 211 -11.67 19.06 3.39
N TYR A 212 -11.40 20.32 3.02
CA TYR A 212 -11.39 20.67 1.60
C TYR A 212 -9.99 20.52 1.03
N LEU A 213 -9.86 19.71 -0.01
CA LEU A 213 -8.60 19.49 -0.70
C LEU A 213 -8.62 20.11 -2.10
N MET A 214 -9.55 19.68 -2.95
CA MET A 214 -9.66 20.14 -4.32
C MET A 214 -10.98 19.67 -4.89
N GLY A 215 -11.29 20.15 -6.09
CA GLY A 215 -12.46 19.73 -6.85
C GLY A 215 -13.77 19.97 -6.12
N GLU A 216 -14.74 19.12 -6.43
CA GLU A 216 -16.04 19.16 -5.77
CA GLU A 216 -16.05 19.15 -5.78
C GLU A 216 -16.01 18.14 -4.63
N ASP A 217 -16.09 18.64 -3.40
CA ASP A 217 -15.96 17.80 -2.21
C ASP A 217 -17.24 17.00 -2.00
N VAL A 218 -17.13 15.67 -1.90
CA VAL A 218 -18.33 14.82 -1.87
C VAL A 218 -18.97 14.87 -0.47
N ASP A 219 -20.30 14.96 -0.45
CA ASP A 219 -21.06 15.04 0.81
C ASP A 219 -21.36 13.65 1.34
N TYR A 220 -20.47 13.12 2.18
CA TYR A 220 -20.70 11.84 2.84
C TYR A 220 -21.54 11.96 4.09
N ASN A 221 -22.15 13.12 4.30
CA ASN A 221 -23.20 13.24 5.30
C ASN A 221 -24.58 13.09 4.69
N ARG A 222 -24.65 12.94 3.37
CA ARG A 222 -25.92 12.72 2.68
C ARG A 222 -26.21 11.22 2.62
N PHE A 223 -27.35 10.82 3.16
CA PHE A 223 -27.70 9.41 3.27
C PHE A 223 -27.60 8.68 1.93
N GLU A 224 -28.16 9.27 0.87
CA GLU A 224 -28.20 8.56 -0.40
C GLU A 224 -26.81 8.34 -0.98
N VAL A 225 -25.89 9.28 -0.76
CA VAL A 225 -24.50 9.10 -1.19
C VAL A 225 -23.84 7.99 -0.39
N GLN A 226 -24.02 7.98 0.93
CA GLN A 226 -23.50 6.89 1.76
C GLN A 226 -23.96 5.53 1.24
N GLN A 227 -25.26 5.42 0.92
CA GLN A 227 -25.81 4.12 0.53
C GLN A 227 -25.30 3.71 -0.84
N GLU A 228 -25.22 4.65 -1.78
CA GLU A 228 -24.64 4.34 -3.07
C GLU A 228 -23.21 3.82 -2.95
N MET A 229 -22.42 4.41 -2.06
CA MET A 229 -21.04 3.97 -1.90
C MET A 229 -20.96 2.57 -1.30
N LYS A 230 -21.88 2.22 -0.40
CA LYS A 230 -21.94 0.84 0.08
C LYS A 230 -22.16 -0.12 -1.06
N ALA A 231 -23.09 0.21 -1.97
CA ALA A 231 -23.33 -0.64 -3.12
C ALA A 231 -22.10 -0.72 -4.01
N TRP A 232 -21.42 0.42 -4.21
CA TRP A 232 -20.22 0.45 -5.05
C TRP A 232 -19.13 -0.44 -4.46
N GLY A 233 -18.95 -0.42 -3.14
CA GLY A 233 -17.94 -1.27 -2.52
C GLY A 233 -18.22 -2.74 -2.72
N GLU A 234 -19.49 -3.14 -2.55
CA GLU A 234 -19.88 -4.52 -2.85
C GLU A 234 -19.59 -4.85 -4.31
N TRP A 235 -19.87 -3.92 -5.21
CA TRP A 235 -19.61 -4.15 -6.63
C TRP A 235 -18.14 -4.43 -6.89
N ILE A 236 -17.26 -3.59 -6.33
CA ILE A 236 -15.82 -3.72 -6.58
C ILE A 236 -15.30 -5.07 -6.11
N ILE A 237 -15.74 -5.52 -4.94
CA ILE A 237 -15.25 -6.80 -4.42
C ILE A 237 -15.98 -7.98 -5.04
N ASN A 238 -17.31 -8.00 -4.93
CA ASN A 238 -18.08 -9.20 -5.25
C ASN A 238 -18.38 -9.35 -6.74
N SER A 239 -18.49 -8.24 -7.47
CA SER A 239 -18.76 -8.32 -8.91
C SER A 239 -17.49 -8.18 -9.74
N VAL A 240 -16.73 -7.10 -9.50
CA VAL A 240 -15.57 -6.83 -10.33
C VAL A 240 -14.42 -7.79 -9.99
N GLY A 241 -14.21 -8.05 -8.72
CA GLY A 241 -13.24 -9.06 -8.30
C GLY A 241 -11.99 -8.55 -7.64
N PHE A 242 -11.97 -7.31 -7.14
CA PHE A 242 -10.88 -6.88 -6.30
C PHE A 242 -10.98 -7.54 -4.93
N SER A 243 -9.91 -7.41 -4.14
CA SER A 243 -9.80 -8.05 -2.83
C SER A 243 -9.57 -7.07 -1.71
N GLY A 244 -9.53 -5.77 -2.00
CA GLY A 244 -9.28 -4.79 -0.96
C GLY A 244 -9.19 -3.41 -1.57
N PHE A 245 -8.89 -2.43 -0.70
CA PHE A 245 -8.89 -1.03 -1.09
C PHE A 245 -7.71 -0.30 -0.48
N ARG A 246 -7.12 0.58 -1.26
CA ARG A 246 -6.23 1.62 -0.77
C ARG A 246 -7.04 2.91 -0.83
N MET A 247 -7.19 3.58 0.32
CA MET A 247 -8.15 4.67 0.45
C MET A 247 -7.41 6.01 0.37
N ASP A 248 -7.51 6.64 -0.79
CA ASP A 248 -6.81 7.87 -1.09
C ASP A 248 -7.29 9.02 -0.22
N ALA A 249 -6.34 9.83 0.29
CA ALA A 249 -6.63 11.11 0.93
C ALA A 249 -7.68 11.00 2.02
N ILE A 250 -7.69 9.87 2.73
CA ILE A 250 -8.88 9.50 3.51
C ILE A 250 -9.05 10.33 4.78
N ALA A 251 -7.96 10.94 5.29
CA ALA A 251 -8.11 11.82 6.44
C ALA A 251 -8.84 13.12 6.10
N HIS A 252 -9.10 13.39 4.83
CA HIS A 252 -9.93 14.53 4.43
C HIS A 252 -11.40 14.16 4.29
N VAL A 253 -11.75 12.90 4.53
CA VAL A 253 -13.09 12.36 4.32
C VAL A 253 -13.75 12.10 5.67
N ASP A 254 -15.05 12.36 5.75
CA ASP A 254 -15.80 12.14 6.99
C ASP A 254 -15.46 10.80 7.63
N THR A 255 -15.07 10.87 8.91
CA THR A 255 -14.55 9.70 9.62
C THR A 255 -15.66 8.68 9.89
N ASP A 256 -16.87 9.16 10.17
CA ASP A 256 -17.96 8.24 10.45
C ASP A 256 -18.40 7.49 9.20
N PHE A 257 -18.47 8.19 8.06
CA PHE A 257 -18.73 7.47 6.81
C PHE A 257 -17.64 6.43 6.56
N THR A 258 -16.37 6.81 6.76
CA THR A 258 -15.27 5.88 6.52
C THR A 258 -15.47 4.60 7.31
N ARG A 259 -15.75 4.72 8.62
CA ARG A 259 -15.95 3.55 9.46
C ARG A 259 -17.13 2.72 8.97
N ASP A 260 -18.27 3.37 8.74
CA ASP A 260 -19.48 2.64 8.41
C ASP A 260 -19.37 1.96 7.04
N TRP A 261 -18.70 2.61 6.08
CA TRP A 261 -18.49 2.00 4.78
C TRP A 261 -17.59 0.78 4.88
N ILE A 262 -16.46 0.91 5.59
CA ILE A 262 -15.57 -0.24 5.76
C ILE A 262 -16.31 -1.40 6.41
N ASN A 263 -17.04 -1.12 7.49
CA ASN A 263 -17.73 -2.18 8.21
C ASN A 263 -18.80 -2.83 7.34
N HIS A 264 -19.50 -2.03 6.54
CA HIS A 264 -20.50 -2.60 5.63
C HIS A 264 -19.84 -3.53 4.63
N VAL A 265 -18.82 -3.03 3.93
CA VAL A 265 -18.19 -3.83 2.88
C VAL A 265 -17.59 -5.10 3.46
N GLN A 266 -16.95 -5.01 4.61
CA GLN A 266 -16.36 -6.19 5.21
C GLN A 266 -17.41 -7.27 5.49
N TRP A 267 -18.56 -6.86 5.99
CA TRP A 267 -19.57 -7.84 6.34
C TRP A 267 -20.38 -8.35 5.13
N ALA A 268 -20.33 -7.62 4.02
CA ALA A 268 -21.03 -8.04 2.81
C ALA A 268 -20.17 -8.89 1.90
N THR A 269 -18.98 -9.24 2.35
CA THR A 269 -18.05 -10.01 1.53
C THR A 269 -17.61 -11.26 2.27
N SER A 270 -17.49 -12.37 1.54
CA SER A 270 -17.21 -13.66 2.17
C SER A 270 -15.78 -13.73 2.70
N GLU A 271 -14.84 -13.10 2.01
CA GLU A 271 -13.44 -13.12 2.39
C GLU A 271 -13.11 -11.90 3.24
N ASP A 272 -11.94 -11.95 3.88
CA ASP A 272 -11.44 -10.83 4.67
C ASP A 272 -10.85 -9.79 3.71
N VAL A 273 -11.58 -8.70 3.52
CA VAL A 273 -11.18 -7.63 2.61
C VAL A 273 -10.11 -6.78 3.29
N PHE A 274 -9.10 -6.40 2.52
CA PHE A 274 -7.98 -5.60 2.99
C PHE A 274 -8.32 -4.13 2.81
N PHE A 275 -8.08 -3.31 3.82
CA PHE A 275 -8.28 -1.87 3.71
C PHE A 275 -7.04 -1.18 4.26
N VAL A 276 -6.45 -0.28 3.47
CA VAL A 276 -5.35 0.54 3.96
C VAL A 276 -5.63 2.01 3.69
N ALA A 277 -5.51 2.83 4.73
CA ALA A 277 -5.72 4.26 4.63
C ALA A 277 -4.45 4.97 4.19
N GLU A 278 -4.57 5.87 3.20
CA GLU A 278 -3.57 6.91 3.01
C GLU A 278 -3.99 8.07 3.91
N ALA A 279 -3.53 8.02 5.16
CA ALA A 279 -3.77 9.07 6.14
C ALA A 279 -2.43 9.77 6.34
N TRP A 280 -2.17 10.75 5.49
CA TRP A 280 -0.88 11.44 5.47
C TRP A 280 -0.96 12.58 6.50
N VAL A 281 -0.96 12.17 7.78
CA VAL A 281 -1.12 13.07 8.91
C VAL A 281 0.01 12.81 9.89
N SER A 282 0.14 13.71 10.86
CA SER A 282 1.19 13.55 11.87
C SER A 282 0.85 12.46 12.88
N ASP A 283 -0.40 12.39 13.32
CA ASP A 283 -0.82 11.43 14.35
C ASP A 283 -1.64 10.32 13.69
N ILE A 284 -0.94 9.38 13.04
CA ILE A 284 -1.63 8.31 12.33
C ILE A 284 -2.31 7.35 13.29
N ASN A 285 -1.69 7.06 14.44
CA ASN A 285 -2.36 6.28 15.47
C ASN A 285 -3.66 6.95 15.91
N GLY A 286 -3.63 8.26 16.09
CA GLY A 286 -4.84 8.99 16.46
C GLY A 286 -5.90 8.91 15.38
N TYR A 287 -5.49 8.95 14.11
CA TYR A 287 -6.45 8.79 13.03
C TYR A 287 -7.12 7.42 13.11
N LEU A 288 -6.33 6.36 13.27
CA LEU A 288 -6.91 5.02 13.38
C LEU A 288 -7.84 4.92 14.59
N ASP A 289 -7.46 5.53 15.71
CA ASP A 289 -8.33 5.52 16.89
C ASP A 289 -9.64 6.23 16.62
N ALA A 290 -9.61 7.29 15.81
CA ALA A 290 -10.83 8.05 15.52
C ALA A 290 -11.77 7.27 14.60
N VAL A 291 -11.24 6.68 13.52
CA VAL A 291 -12.08 5.86 12.65
C VAL A 291 -12.64 4.67 13.40
N ASN A 292 -11.82 4.04 14.25
CA ASN A 292 -12.28 3.01 15.18
C ASN A 292 -12.95 1.84 14.46
N THR A 293 -12.20 1.19 13.57
CA THR A 293 -12.64 -0.09 13.02
C THR A 293 -11.45 -1.04 12.95
N PRO A 294 -11.61 -2.30 13.37
CA PRO A 294 -10.47 -3.23 13.34
C PRO A 294 -10.00 -3.54 11.92
N HIS A 295 -10.80 -3.27 10.90
CA HIS A 295 -10.47 -3.69 9.54
C HIS A 295 -9.48 -2.75 8.85
N LEU A 296 -9.17 -1.60 9.42
CA LEU A 296 -8.43 -0.57 8.71
C LEU A 296 -6.97 -0.55 9.12
N ARG A 297 -6.09 -0.64 8.12
CA ARG A 297 -4.66 -0.41 8.28
C ARG A 297 -4.33 0.99 7.77
N ALA A 298 -3.08 1.41 7.99
CA ALA A 298 -2.64 2.72 7.53
C ALA A 298 -1.20 2.66 7.06
N PHE A 299 -0.87 3.45 6.03
CA PHE A 299 0.50 3.55 5.58
C PHE A 299 1.36 4.21 6.65
N ASP A 300 2.57 3.69 6.82
CA ASP A 300 3.48 4.10 7.89
C ASP A 300 4.37 5.23 7.40
N PHE A 301 3.79 6.42 7.28
CA PHE A 301 4.57 7.56 6.81
C PHE A 301 5.70 7.92 7.76
N ASN A 302 5.49 7.77 9.06
CA ASN A 302 6.51 8.23 10.00
C ASN A 302 7.76 7.37 9.97
N LEU A 303 7.63 6.08 9.67
CA LEU A 303 8.81 5.23 9.55
C LEU A 303 9.74 5.73 8.45
N ARG A 304 9.18 6.32 7.38
CA ARG A 304 10.01 6.77 6.27
C ARG A 304 11.03 7.83 6.69
N GLU A 305 10.75 8.56 7.78
CA GLU A 305 11.74 9.52 8.28
C GLU A 305 13.07 8.82 8.58
N ASP A 306 13.00 7.59 9.09
CA ASP A 306 14.23 6.84 9.34
C ASP A 306 14.95 6.47 8.05
N PHE A 307 14.21 6.23 6.96
CA PHE A 307 14.86 5.92 5.69
C PHE A 307 15.50 7.15 5.07
N VAL A 308 14.92 8.33 5.30
CA VAL A 308 15.59 9.57 4.91
C VAL A 308 16.92 9.71 5.65
N ALA A 309 16.91 9.48 6.95
CA ALA A 309 18.15 9.51 7.71
C ALA A 309 19.13 8.45 7.22
N LEU A 310 18.62 7.23 6.99
CA LEU A 310 19.48 6.16 6.49
C LEU A 310 20.15 6.56 5.19
N SER A 311 19.42 7.21 4.30
CA SER A 311 19.95 7.56 2.98
C SER A 311 21.15 8.49 3.09
N SER A 312 21.23 9.29 4.16
CA SER A 312 22.32 10.23 4.38
C SER A 312 23.65 9.55 4.71
N GLY A 313 23.66 8.26 5.04
CA GLY A 313 24.89 7.61 5.44
C GLY A 313 25.32 7.96 6.85
N SER A 314 24.42 8.54 7.64
CA SER A 314 24.75 8.98 8.99
C SER A 314 23.64 8.65 9.99
N LYS A 315 22.65 7.84 9.62
CA LYS A 315 21.59 7.50 10.57
C LYS A 315 22.18 6.86 11.82
N ASP A 316 21.60 7.19 12.97
CA ASP A 316 21.86 6.45 14.19
C ASP A 316 21.05 5.16 14.11
N MET A 317 21.72 4.05 13.83
CA MET A 317 21.08 2.77 13.55
C MET A 317 20.47 2.11 14.78
N ARG A 318 20.62 2.71 15.96
CA ARG A 318 20.17 2.07 17.19
C ARG A 318 18.65 2.10 17.31
N TRP A 319 17.98 3.09 16.72
CA TRP A 319 16.55 3.24 16.98
C TRP A 319 15.78 3.58 15.73
N TRP A 320 14.51 3.18 15.73
CA TRP A 320 13.61 3.31 14.59
C TRP A 320 12.23 3.65 15.11
N GLY A 321 11.56 4.57 14.43
CA GLY A 321 10.25 5.00 14.83
C GLY A 321 9.16 4.37 13.97
N GLY A 322 8.07 5.10 13.79
CA GLY A 322 7.02 4.68 12.91
C GLY A 322 5.93 3.85 13.58
N LEU A 323 4.83 3.72 12.84
CA LEU A 323 3.70 2.93 13.29
C LEU A 323 4.07 1.47 13.53
N VAL A 324 5.00 0.93 12.73
CA VAL A 324 5.41 -0.47 12.88
C VAL A 324 6.20 -0.70 14.15
N ASN A 325 6.63 0.36 14.84
CA ASN A 325 7.31 0.23 16.12
C ASN A 325 6.43 0.72 17.26
N SER A 326 5.12 0.76 17.07
CA SER A 326 4.14 1.25 18.03
C SER A 326 3.15 0.15 18.40
N GLN A 327 2.19 0.50 19.25
CA GLN A 327 1.13 -0.43 19.63
C GLN A 327 0.24 -0.80 18.45
N HIS A 328 0.14 0.06 17.44
CA HIS A 328 -0.67 -0.20 16.27
C HIS A 328 0.09 -0.95 15.19
N ARG A 329 1.20 -1.61 15.53
CA ARG A 329 2.08 -2.16 14.50
C ARG A 329 1.39 -3.20 13.63
N ASP A 330 0.40 -3.93 14.17
CA ASP A 330 -0.32 -4.89 13.36
C ASP A 330 -1.21 -4.24 12.31
N ARG A 331 -1.41 -2.93 12.40
CA ARG A 331 -2.19 -2.20 11.41
C ARG A 331 -1.32 -1.37 10.48
N ALA A 332 0.00 -1.53 10.53
CA ALA A 332 0.90 -0.74 9.70
C ALA A 332 1.07 -1.39 8.33
N VAL A 333 1.11 -0.55 7.30
CA VAL A 333 1.55 -0.95 5.98
C VAL A 333 2.79 -0.12 5.69
N THR A 334 3.94 -0.79 5.65
CA THR A 334 5.22 -0.10 5.60
C THR A 334 5.67 0.04 4.15
N PHE A 335 6.53 1.03 3.91
CA PHE A 335 7.00 1.33 2.56
C PHE A 335 8.24 2.21 2.65
N VAL A 336 9.02 2.21 1.58
CA VAL A 336 10.18 3.07 1.46
C VAL A 336 9.87 4.34 0.67
N ASP A 337 9.16 4.20 -0.44
CA ASP A 337 8.74 5.34 -1.24
C ASP A 337 7.44 4.98 -1.94
N ASN A 338 6.73 6.02 -2.36
CA ASN A 338 5.54 5.87 -3.20
C ASN A 338 5.60 6.94 -4.29
N HIS A 339 4.54 7.04 -5.08
CA HIS A 339 4.46 7.95 -6.23
C HIS A 339 4.36 9.41 -5.82
N ASP A 340 4.16 9.70 -4.54
CA ASP A 340 4.18 11.07 -4.03
C ASP A 340 5.52 11.43 -3.42
N THR A 341 6.16 10.49 -2.74
CA THR A 341 7.43 10.78 -2.07
C THR A 341 8.63 10.59 -2.99
N SER A 342 8.45 9.90 -4.11
CA SER A 342 9.49 9.69 -5.11
C SER A 342 8.85 9.93 -6.47
N ARG A 343 9.08 11.12 -7.02
CA ARG A 343 8.49 11.47 -8.30
C ARG A 343 9.41 12.48 -8.96
N ALA A 344 9.60 12.35 -10.27
CA ALA A 344 10.37 13.32 -11.02
C ALA A 344 9.91 14.74 -10.66
N GLY A 345 10.86 15.57 -10.25
CA GLY A 345 10.55 16.94 -9.89
C GLY A 345 10.26 17.20 -8.42
N ASN A 346 10.03 16.16 -7.62
CA ASN A 346 9.75 16.29 -6.20
C ASN A 346 8.68 17.35 -5.91
N PRO A 347 7.44 17.14 -6.37
CA PRO A 347 6.44 18.22 -6.34
C PRO A 347 5.95 18.57 -4.95
N TYR A 348 6.01 17.64 -4.00
CA TYR A 348 5.60 17.88 -2.63
C TYR A 348 6.73 18.43 -1.77
N GLY A 349 7.93 18.61 -2.32
CA GLY A 349 9.04 19.13 -1.54
C GLY A 349 9.34 18.28 -0.33
N MET A 350 9.48 16.98 -0.55
CA MET A 350 9.70 15.98 0.50
C MET A 350 11.16 15.58 0.55
N PRO A 351 11.74 15.40 1.75
CA PRO A 351 13.07 14.79 1.82
C PRO A 351 13.08 13.45 1.12
N GLN A 352 14.17 13.19 0.42
CA GLN A 352 14.28 12.07 -0.50
C GLN A 352 15.03 10.89 0.13
N VAL A 353 14.65 9.69 -0.30
CA VAL A 353 15.38 8.47 0.03
C VAL A 353 16.11 8.05 -1.25
N ILE A 354 17.43 8.25 -1.28
CA ILE A 354 18.23 8.05 -2.47
C ILE A 354 19.13 6.82 -2.34
N ASN A 355 19.84 6.70 -1.21
CA ASN A 355 20.83 5.67 -0.98
C ASN A 355 20.35 4.73 0.11
N TYR A 356 21.04 3.58 0.22
CA TYR A 356 20.75 2.58 1.25
C TYR A 356 19.35 2.00 1.10
N LYS A 357 18.80 2.00 -0.13
CA LYS A 357 17.41 1.56 -0.28
C LYS A 357 17.24 0.05 -0.07
N ASN A 358 18.25 -0.75 -0.40
CA ASN A 358 18.14 -2.18 -0.14
C ASN A 358 18.06 -2.44 1.36
N GLN A 359 18.87 -1.70 2.13
CA GLN A 359 18.82 -1.79 3.59
C GLN A 359 17.44 -1.41 4.11
N ALA A 360 16.83 -0.34 3.56
CA ALA A 360 15.49 0.04 3.98
C ALA A 360 14.48 -1.06 3.68
N TYR A 361 14.58 -1.65 2.48
CA TYR A 361 13.67 -2.73 2.12
C TYR A 361 13.87 -3.95 3.02
N ALA A 362 15.13 -4.28 3.35
CA ALA A 362 15.35 -5.40 4.26
C ALA A 362 14.68 -5.14 5.60
N TYR A 363 14.77 -3.90 6.09
CA TYR A 363 14.11 -3.56 7.34
C TYR A 363 12.62 -3.83 7.28
N ILE A 364 11.93 -3.30 6.24
CA ILE A 364 10.48 -3.47 6.21
C ILE A 364 10.05 -4.89 5.87
N LEU A 365 10.84 -5.60 5.05
CA LEU A 365 10.38 -6.89 4.56
C LEU A 365 10.50 -7.99 5.60
N LEU A 366 11.43 -7.87 6.53
CA LEU A 366 11.69 -8.99 7.43
C LEU A 366 11.09 -8.79 8.81
N ARG A 367 10.41 -7.66 9.04
CA ARG A 367 9.71 -7.34 10.29
C ARG A 367 8.66 -8.39 10.62
N GLU A 368 8.53 -8.71 11.92
CA GLU A 368 7.42 -9.56 12.35
C GLU A 368 6.07 -8.94 12.04
N HIS A 369 5.95 -7.63 12.19
CA HIS A 369 4.67 -6.94 12.04
C HIS A 369 4.68 -5.99 10.85
N GLY A 370 3.48 -5.65 10.41
CA GLY A 370 3.29 -4.76 9.28
C GLY A 370 3.28 -5.50 7.96
N VAL A 371 2.55 -4.96 7.00
CA VAL A 371 2.57 -5.46 5.63
C VAL A 371 3.46 -4.53 4.82
N PRO A 372 4.56 -5.01 4.26
CA PRO A 372 5.47 -4.14 3.50
C PRO A 372 5.04 -4.02 2.05
N THR A 373 5.42 -2.89 1.46
CA THR A 373 5.09 -2.57 0.07
C THR A 373 6.39 -2.41 -0.72
N VAL A 374 6.50 -3.16 -1.82
CA VAL A 374 7.59 -2.98 -2.78
C VAL A 374 7.09 -2.02 -3.86
N PHE A 375 7.83 -0.93 -4.08
CA PHE A 375 7.41 0.14 -5.00
C PHE A 375 7.93 -0.14 -6.41
N ALA A 376 7.02 -0.12 -7.40
CA ALA A 376 7.42 -0.39 -8.77
C ALA A 376 8.53 0.53 -9.27
N ARG A 377 8.55 1.80 -8.83
CA ARG A 377 9.61 2.67 -9.34
C ARG A 377 10.98 2.17 -8.89
N ASP A 378 11.08 1.67 -7.66
CA ASP A 378 12.34 1.12 -7.18
C ASP A 378 12.67 -0.18 -7.90
N TYR A 379 11.68 -1.07 -8.01
CA TYR A 379 11.90 -2.41 -8.55
C TYR A 379 12.22 -2.37 -10.04
N ASP A 380 11.47 -1.55 -10.79
CA ASP A 380 11.55 -1.46 -12.25
C ASP A 380 12.44 -0.30 -12.67
N GLU A 381 11.96 0.95 -12.56
CA GLU A 381 12.69 2.09 -13.13
C GLU A 381 14.11 2.19 -12.58
N PHE A 382 14.26 2.07 -11.26
CA PHE A 382 15.56 2.18 -10.62
C PHE A 382 16.34 0.87 -10.63
N GLY A 383 15.79 -0.19 -11.22
CA GLY A 383 16.55 -1.42 -11.45
C GLY A 383 16.91 -2.23 -10.22
N MET A 384 16.15 -2.14 -9.14
CA MET A 384 16.52 -2.85 -7.92
C MET A 384 16.04 -4.31 -7.89
N ALA A 385 15.29 -4.77 -8.89
CA ALA A 385 14.78 -6.13 -8.89
C ALA A 385 15.81 -7.21 -8.53
N PRO A 386 17.03 -7.22 -9.07
CA PRO A 386 17.90 -8.38 -8.81
C PRO A 386 18.27 -8.55 -7.35
N THR A 387 18.34 -7.47 -6.57
CA THR A 387 18.57 -7.57 -5.13
C THR A 387 17.27 -7.65 -4.35
N LEU A 388 16.25 -6.88 -4.73
CA LEU A 388 14.98 -6.97 -4.01
C LEU A 388 14.36 -8.36 -4.14
N ASP A 389 14.58 -9.05 -5.26
CA ASP A 389 14.03 -10.39 -5.43
C ASP A 389 14.47 -11.33 -4.30
N LYS A 390 15.72 -11.20 -3.84
CA LYS A 390 16.18 -12.06 -2.76
C LYS A 390 15.54 -11.67 -1.43
N LEU A 391 15.26 -10.39 -1.22
CA LEU A 391 14.62 -9.96 0.02
C LEU A 391 13.14 -10.34 0.05
N ILE A 392 12.48 -10.26 -1.11
CA ILE A 392 11.09 -10.73 -1.20
C ILE A 392 11.02 -12.23 -0.92
N GLU A 393 11.91 -13.00 -1.55
CA GLU A 393 11.98 -14.44 -1.27
C GLU A 393 12.24 -14.70 0.20
N ALA A 394 13.15 -13.92 0.82
CA ALA A 394 13.46 -14.13 2.23
C ALA A 394 12.24 -13.89 3.09
N ARG A 395 11.45 -12.85 2.79
CA ARG A 395 10.22 -12.64 3.53
C ARG A 395 9.25 -13.81 3.32
N ARG A 396 9.13 -14.26 2.07
CA ARG A 396 8.14 -15.29 1.76
C ARG A 396 8.47 -16.62 2.43
N TYR A 397 9.75 -16.96 2.57
CA TYR A 397 10.14 -18.30 3.00
C TYR A 397 10.78 -18.39 4.38
N PHE A 398 11.42 -17.31 4.88
CA PHE A 398 12.20 -17.43 6.11
C PHE A 398 11.74 -16.53 7.25
N ALA A 399 11.01 -15.44 6.97
CA ALA A 399 10.68 -14.45 7.99
C ALA A 399 9.43 -14.87 8.77
N TYR A 400 9.63 -15.84 9.66
CA TYR A 400 8.54 -16.45 10.42
C TYR A 400 8.97 -16.60 11.88
N GLY A 401 7.98 -16.65 12.76
CA GLY A 401 8.22 -16.79 14.18
C GLY A 401 8.42 -15.44 14.84
N PRO A 402 8.47 -15.42 16.17
CA PRO A 402 8.67 -14.16 16.89
C PRO A 402 9.94 -13.43 16.47
N GLY A 403 9.85 -12.11 16.39
CA GLY A 403 11.01 -11.27 16.15
C GLY A 403 11.63 -10.79 17.44
N HIS A 404 12.94 -10.54 17.40
CA HIS A 404 13.70 -10.09 18.56
C HIS A 404 14.62 -8.96 18.15
N GLU A 405 14.52 -7.85 18.87
CA GLU A 405 15.49 -6.78 18.75
C GLU A 405 16.82 -7.20 19.39
N TYR A 406 17.87 -6.47 19.04
CA TYR A 406 19.24 -6.77 19.44
C TYR A 406 19.74 -5.69 20.38
N SER A 407 20.29 -6.10 21.52
CA SER A 407 20.79 -5.12 22.48
C SER A 407 22.17 -4.58 22.09
N GLY A 408 22.81 -5.13 21.06
CA GLY A 408 24.12 -4.68 20.65
C GLY A 408 24.16 -3.82 19.39
N ASN A 409 23.04 -3.22 18.99
CA ASN A 409 23.07 -2.29 17.88
C ASN A 409 24.07 -1.18 18.14
N THR A 410 24.70 -0.68 17.09
CA THR A 410 25.57 0.48 17.18
C THR A 410 24.99 1.62 16.35
N GLU A 411 25.65 2.78 16.43
CA GLU A 411 25.23 3.88 15.56
C GLU A 411 25.33 3.48 14.09
N ALA A 412 26.19 2.52 13.76
CA ALA A 412 26.45 2.15 12.38
C ALA A 412 25.72 0.90 11.89
N VAL A 413 25.28 0.02 12.79
CA VAL A 413 24.72 -1.29 12.39
C VAL A 413 23.49 -1.59 13.21
N TYR A 414 22.43 -2.04 12.54
CA TYR A 414 21.21 -2.56 13.17
C TYR A 414 21.07 -4.04 12.84
N ALA A 415 20.67 -4.84 13.82
CA ALA A 415 20.42 -6.26 13.64
C ALA A 415 19.07 -6.64 14.20
N TYR A 416 18.52 -7.75 13.71
CA TYR A 416 17.18 -8.18 14.07
C TYR A 416 17.05 -9.67 13.76
N VAL A 417 16.34 -10.41 14.60
CA VAL A 417 16.23 -11.86 14.50
C VAL A 417 14.77 -12.28 14.37
N ARG A 418 14.50 -13.21 13.46
CA ARG A 418 13.25 -13.97 13.46
C ARG A 418 13.60 -15.39 13.91
N GLU A 419 12.93 -15.87 14.96
CA GLU A 419 13.37 -17.15 15.51
C GLU A 419 12.97 -18.35 14.65
N GLY A 420 12.07 -18.18 13.69
CA GLY A 420 11.60 -19.30 12.91
C GLY A 420 10.47 -20.02 13.64
N LEU A 421 9.97 -21.05 12.98
CA LEU A 421 8.91 -21.90 13.53
C LEU A 421 9.48 -23.29 13.73
N SER A 422 9.34 -23.84 14.94
CA SER A 422 9.89 -25.17 15.18
C SER A 422 9.24 -26.21 14.29
N THR A 423 7.98 -26.00 13.91
CA THR A 423 7.28 -26.92 13.04
C THR A 423 7.70 -26.80 11.58
N VAL A 424 8.48 -25.78 11.22
CA VAL A 424 8.95 -25.63 9.84
C VAL A 424 10.46 -25.45 9.84
N PRO A 425 11.24 -26.53 9.90
CA PRO A 425 12.70 -26.39 9.87
C PRO A 425 13.15 -25.60 8.66
N GLY A 426 14.17 -24.77 8.87
CA GLY A 426 14.70 -23.93 7.82
C GLY A 426 14.21 -22.50 7.86
N THR A 427 13.16 -22.22 8.62
CA THR A 427 12.69 -20.86 8.81
C THR A 427 13.53 -20.15 9.86
N GLY A 428 13.35 -18.84 9.93
CA GLY A 428 14.12 -17.98 10.82
C GLY A 428 15.26 -17.32 10.09
N LEU A 429 15.72 -16.19 10.63
CA LEU A 429 16.80 -15.44 10.01
C LEU A 429 17.45 -14.51 11.02
N VAL A 430 18.70 -14.14 10.72
CA VAL A 430 19.41 -13.07 11.42
C VAL A 430 19.76 -12.03 10.38
N MET A 431 19.16 -10.85 10.49
CA MET A 431 19.36 -9.76 9.53
C MET A 431 20.29 -8.72 10.14
N LEU A 432 21.20 -8.19 9.33
CA LEU A 432 22.00 -7.04 9.70
C LEU A 432 22.00 -6.04 8.55
N ILE A 433 21.94 -4.75 8.89
CA ILE A 433 22.06 -3.69 7.89
C ILE A 433 23.09 -2.67 8.34
N SER A 434 23.97 -2.28 7.42
CA SER A 434 24.91 -1.20 7.62
C SER A 434 24.30 0.12 7.18
N GLY A 435 24.46 1.15 8.02
CA GLY A 435 24.11 2.50 7.64
C GLY A 435 25.34 3.34 7.27
N ARG A 436 26.46 2.68 6.99
CA ARG A 436 27.70 3.37 6.69
C ARG A 436 28.37 2.77 5.45
N ASN A 437 29.33 3.51 4.90
CA ASN A 437 30.02 3.14 3.67
C ASN A 437 31.53 3.03 3.88
N TRP A 438 31.94 2.45 4.99
CA TRP A 438 33.35 2.42 5.38
C TRP A 438 34.15 1.39 4.60
N GLY A 439 33.53 0.33 4.11
CA GLY A 439 34.24 -0.79 3.57
C GLY A 439 34.57 -1.83 4.62
N GLY A 440 34.82 -3.06 4.16
CA GLY A 440 35.13 -4.14 5.05
C GLY A 440 33.88 -4.72 5.69
N GLN A 441 34.10 -5.67 6.60
CA GLN A 441 33.03 -6.33 7.32
C GLN A 441 33.15 -6.06 8.81
N GLN A 442 32.01 -6.11 9.50
CA GLN A 442 31.95 -6.12 10.95
C GLN A 442 31.05 -7.26 11.39
N SER A 443 31.36 -7.87 12.52
CA SER A 443 30.59 -9.01 13.03
C SER A 443 30.01 -8.70 14.40
N PHE A 444 28.91 -9.37 14.70
CA PHE A 444 28.14 -9.14 15.92
C PHE A 444 27.71 -10.48 16.49
N THR A 445 27.91 -10.65 17.80
CA THR A 445 27.47 -11.86 18.49
C THR A 445 25.99 -11.73 18.83
N ILE A 446 25.18 -12.58 18.23
CA ILE A 446 23.73 -12.48 18.26
C ILE A 446 23.14 -13.83 18.61
N ASN A 447 22.11 -13.84 19.44
CA ASN A 447 21.36 -15.06 19.71
C ASN A 447 20.39 -15.31 18.56
N SER A 448 20.68 -16.33 17.74
CA SER A 448 19.80 -16.71 16.63
C SER A 448 18.57 -17.47 17.09
N HIS A 449 18.54 -17.91 18.34
CA HIS A 449 17.50 -18.79 18.88
C HIS A 449 17.50 -20.18 18.24
N GLN A 450 18.56 -20.54 17.53
CA GLN A 450 18.67 -21.86 16.91
C GLN A 450 20.02 -22.46 17.29
N PRO A 451 20.08 -23.22 18.39
CA PRO A 451 21.35 -23.81 18.82
C PRO A 451 21.92 -24.77 17.78
N ASN A 452 23.26 -24.83 17.75
CA ASN A 452 24.00 -25.84 17.01
C ASN A 452 23.61 -25.89 15.53
N THR A 453 23.48 -24.72 14.93
CA THR A 453 22.96 -24.59 13.57
C THR A 453 23.95 -23.83 12.70
N THR A 454 24.00 -24.18 11.42
CA THR A 454 24.80 -23.45 10.45
C THR A 454 23.90 -22.54 9.63
N PHE A 455 24.34 -21.29 9.45
CA PHE A 455 23.62 -20.27 8.69
C PHE A 455 24.47 -19.84 7.50
N TYR A 456 23.81 -19.40 6.43
CA TYR A 456 24.46 -18.78 5.27
C TYR A 456 23.69 -17.53 4.89
N ASP A 457 24.34 -16.63 4.16
CA ASP A 457 23.73 -15.35 3.80
C ASP A 457 22.90 -15.52 2.53
N TYR A 458 21.58 -15.51 2.68
CA TYR A 458 20.69 -15.69 1.54
C TYR A 458 20.91 -14.65 0.45
N THR A 459 21.36 -13.44 0.81
CA THR A 459 21.62 -12.41 -0.20
C THR A 459 22.89 -12.67 -0.98
N GLY A 460 23.81 -13.49 -0.45
CA GLY A 460 25.13 -13.64 -1.03
C GLY A 460 26.08 -12.49 -0.77
N ASN A 461 25.71 -11.51 0.05
CA ASN A 461 26.59 -10.35 0.23
C ASN A 461 27.81 -10.65 1.09
N VAL A 462 27.72 -11.63 1.99
CA VAL A 462 28.86 -12.15 2.74
C VAL A 462 28.97 -13.63 2.42
N SER A 463 30.14 -14.05 1.97
CA SER A 463 30.33 -15.46 1.65
C SER A 463 30.52 -16.28 2.92
N GLY A 464 30.34 -17.59 2.77
CA GLY A 464 30.66 -18.51 3.84
C GLY A 464 29.50 -18.82 4.77
N THR A 465 29.82 -19.19 6.00
CA THR A 465 28.84 -19.71 6.94
C THR A 465 29.11 -19.16 8.33
N VAL A 466 28.09 -19.23 9.17
CA VAL A 466 28.18 -18.94 10.59
C VAL A 466 27.61 -20.14 11.33
N THR A 467 28.33 -20.63 12.34
CA THR A 467 27.80 -21.70 13.18
C THR A 467 27.42 -21.14 14.56
N THR A 468 26.35 -21.67 15.13
CA THR A 468 25.91 -21.23 16.46
C THR A 468 26.25 -22.26 17.52
N ASN A 469 26.38 -21.78 18.75
CA ASN A 469 26.78 -22.62 19.89
C ASN A 469 25.55 -23.26 20.52
N ALA A 470 25.73 -23.89 21.69
CA ALA A 470 24.67 -24.64 22.32
C ALA A 470 23.53 -23.76 22.83
N GLN A 471 23.76 -22.46 22.97
CA GLN A 471 22.72 -21.52 23.36
C GLN A 471 22.11 -20.77 22.19
N GLY A 472 22.61 -20.99 20.97
CA GLY A 472 22.11 -20.30 19.79
C GLY A 472 22.92 -19.09 19.34
N TYR A 473 23.99 -18.75 20.05
CA TYR A 473 24.76 -17.57 19.71
C TYR A 473 25.77 -17.87 18.60
N GLY A 474 25.89 -16.92 17.68
CA GLY A 474 26.93 -16.96 16.68
C GLY A 474 27.39 -15.54 16.38
N SER A 475 28.51 -15.45 15.67
CA SER A 475 29.10 -14.18 15.27
C SER A 475 28.77 -13.96 13.79
N PHE A 476 27.87 -13.02 13.52
CA PHE A 476 27.32 -12.83 12.18
C PHE A 476 27.90 -11.58 11.54
N PRO A 477 28.55 -11.68 10.38
CA PRO A 477 29.08 -10.50 9.71
C PRO A 477 28.05 -9.75 8.87
N VAL A 478 28.39 -8.49 8.59
CA VAL A 478 27.73 -7.66 7.59
C VAL A 478 28.81 -6.84 6.89
N THR A 479 28.60 -6.51 5.62
CA THR A 479 29.52 -5.65 4.89
C THR A 479 29.18 -4.19 5.20
N MET A 480 30.20 -3.39 5.52
CA MET A 480 29.99 -2.00 5.91
C MET A 480 30.01 -1.08 4.69
N THR A 481 29.06 -1.31 3.78
CA THR A 481 28.96 -0.54 2.55
C THR A 481 27.53 -0.13 2.29
N GLU A 482 27.39 0.96 1.54
CA GLU A 482 26.08 1.32 1.01
C GLU A 482 25.58 0.27 0.02
N SER A 483 26.47 -0.21 -0.87
CA SER A 483 25.98 -0.93 -2.02
C SER A 483 25.69 -2.41 -1.75
N THR A 484 26.32 -3.01 -0.73
CA THR A 484 26.06 -4.41 -0.41
C THR A 484 25.87 -4.63 1.09
N GLY A 485 25.60 -3.57 1.85
CA GLY A 485 25.56 -3.63 3.29
C GLY A 485 24.28 -4.13 3.94
N TRP A 486 23.79 -5.27 3.48
CA TRP A 486 22.73 -5.97 4.18
C TRP A 486 23.01 -7.46 4.03
N SER A 487 22.73 -8.22 5.09
CA SER A 487 22.88 -9.66 5.07
C SER A 487 21.69 -10.28 5.77
N VAL A 488 21.25 -11.42 5.25
CA VAL A 488 20.09 -12.14 5.78
C VAL A 488 20.54 -13.58 5.96
N TRP A 489 21.01 -13.90 7.18
CA TRP A 489 21.54 -15.22 7.49
C TRP A 489 20.38 -16.17 7.81
N VAL A 490 20.30 -17.28 7.07
CA VAL A 490 19.21 -18.24 7.24
C VAL A 490 19.82 -19.63 7.42
N PRO A 491 19.07 -20.56 8.00
CA PRO A 491 19.66 -21.89 8.23
C PRO A 491 20.00 -22.59 6.93
N GLN A 492 21.15 -23.25 6.91
CA GLN A 492 21.54 -24.05 5.76
C GLN A 492 20.87 -25.41 5.85
N SER A 493 20.16 -25.80 4.79
CA SER A 493 19.47 -27.09 4.77
C SER A 493 20.43 -28.27 4.70
#